data_3JS9
#
_entry.id   3JS9
#
_cell.length_a   125.894
_cell.length_b   125.894
_cell.length_c   101.512
_cell.angle_alpha   90.000
_cell.angle_beta   90.000
_cell.angle_gamma   90.000
#
_symmetry.space_group_name_H-M   'P 43 21 2'
#
loop_
_entity.id
_entity.type
_entity.pdbx_description
1 polymer 'Nucleoside diphosphate kinase family protein'
2 non-polymer 'SULFATE ION'
3 water water
#
_entity_poly.entity_id   1
_entity_poly.type   'polypeptide(L)'
_entity_poly.pdbx_seq_one_letter_code
;MAHHHHHHMERTYIMVKPDGVQRGLIGEILKRFEMKGLKLIAAKFEHPTMDVVAQHYCEHKDKPFFKDLCDFISHGPVFC
MIWEGPEAIKIGRNLVGLTSPVESAAGTIRGDFGVVKNFNIVHASSSAEDAARECALWFTPEQLVTWERSVGGWIY
;
_entity_poly.pdbx_strand_id   A,B,C
#
loop_
_chem_comp.id
_chem_comp.type
_chem_comp.name
_chem_comp.formula
SO4 non-polymer 'SULFATE ION' 'O4 S -2'
#
# COMPACT_ATOMS: atom_id res chain seq x y z
N MET A 9 -25.54 -1.75 0.35
CA MET A 9 -25.42 -0.27 0.36
C MET A 9 -25.44 0.33 1.78
N GLU A 10 -24.32 0.88 2.22
CA GLU A 10 -24.11 1.12 3.62
C GLU A 10 -23.53 2.51 3.83
N ARG A 11 -23.55 2.95 5.08
CA ARG A 11 -22.80 4.13 5.47
C ARG A 11 -21.99 3.78 6.69
N THR A 12 -20.75 4.26 6.74
CA THR A 12 -19.87 3.98 7.85
C THR A 12 -19.33 5.25 8.49
N TYR A 13 -19.08 5.20 9.80
CA TYR A 13 -18.58 6.37 10.46
C TYR A 13 -17.07 6.22 10.57
N ILE A 14 -16.34 7.22 10.08
CA ILE A 14 -14.88 7.20 10.11
C ILE A 14 -14.40 8.46 10.88
N MET A 15 -13.47 8.30 11.82
CA MET A 15 -13.07 9.42 12.64
C MET A 15 -11.55 9.52 12.83
N VAL A 16 -10.98 10.62 12.36
CA VAL A 16 -9.58 10.89 12.64
C VAL A 16 -9.53 11.30 14.11
N LYS A 17 -8.73 10.59 14.91
CA LYS A 17 -8.68 10.81 16.33
C LYS A 17 -7.61 11.84 16.63
N PRO A 18 -7.49 12.27 17.91
CA PRO A 18 -6.56 13.37 18.18
C PRO A 18 -5.13 13.15 17.72
N ASP A 19 -4.62 11.91 17.79
CA ASP A 19 -3.25 11.63 17.38
C ASP A 19 -3.15 11.81 15.85
N GLY A 20 -4.16 11.34 15.12
CA GLY A 20 -4.26 11.63 13.67
C GLY A 20 -4.13 13.14 13.38
N VAL A 21 -4.85 13.95 14.16
CA VAL A 21 -4.91 15.37 13.88
C VAL A 21 -3.60 16.05 14.19
N GLN A 22 -3.02 15.71 15.34
CA GLN A 22 -1.73 16.28 15.77
C GLN A 22 -0.63 15.92 14.78
N ARG A 23 -0.77 14.78 14.14
CA ARG A 23 0.28 14.35 13.25
C ARG A 23 0.12 14.87 11.83
N GLY A 24 -0.90 15.69 11.59
CA GLY A 24 -1.20 16.18 10.26
C GLY A 24 -1.71 15.13 9.24
N LEU A 25 -2.53 14.18 9.67
CA LEU A 25 -3.03 13.12 8.74
C LEU A 25 -4.49 13.22 8.29
N ILE A 26 -5.15 14.34 8.60
CA ILE A 26 -6.56 14.43 8.23
C ILE A 26 -6.71 14.30 6.73
N GLY A 27 -5.92 15.09 6.00
CA GLY A 27 -6.03 15.16 4.53
C GLY A 27 -5.72 13.83 3.87
N GLU A 28 -4.64 13.19 4.31
CA GLU A 28 -4.24 11.89 3.84
C GLU A 28 -5.34 10.85 4.00
N ILE A 29 -6.01 10.85 5.15
CA ILE A 29 -7.00 9.85 5.45
C ILE A 29 -8.25 10.11 4.59
N LEU A 30 -8.71 11.37 4.58
CA LEU A 30 -9.85 11.73 3.74
C LEU A 30 -9.59 11.29 2.28
N LYS A 31 -8.42 11.65 1.77
CA LYS A 31 -8.03 11.38 0.41
C LYS A 31 -8.04 9.86 0.11
N ARG A 32 -7.63 9.05 1.08
CA ARG A 32 -7.65 7.59 0.85
C ARG A 32 -9.06 7.10 0.72
N PHE A 33 -9.98 7.62 1.53
CA PHE A 33 -11.39 7.26 1.36
C PHE A 33 -11.99 7.76 0.04
N GLU A 34 -11.63 9.00 -0.35
CA GLU A 34 -12.10 9.61 -1.56
C GLU A 34 -11.59 8.80 -2.77
N MET A 35 -10.30 8.44 -2.80
CA MET A 35 -9.80 7.70 -3.96
CA MET A 35 -9.65 7.58 -3.84
C MET A 35 -10.43 6.31 -4.05
N LYS A 36 -10.82 5.71 -2.92
CA LYS A 36 -11.41 4.40 -2.90
C LYS A 36 -12.72 4.38 -3.62
N GLY A 37 -13.41 5.53 -3.58
CA GLY A 37 -14.63 5.70 -4.37
C GLY A 37 -15.90 5.68 -3.57
N LEU A 38 -15.80 5.54 -2.25
CA LEU A 38 -16.96 5.71 -1.41
C LEU A 38 -17.38 7.16 -1.57
N LYS A 39 -18.66 7.42 -1.41
CA LYS A 39 -19.19 8.75 -1.60
C LYS A 39 -19.25 9.46 -0.26
N LEU A 40 -18.70 10.68 -0.20
CA LEU A 40 -18.73 11.41 1.05
C LEU A 40 -20.15 11.92 1.31
N ILE A 41 -20.64 11.67 2.52
CA ILE A 41 -21.97 12.13 2.98
C ILE A 41 -21.91 13.29 4.01
N ALA A 42 -20.91 13.29 4.89
CA ALA A 42 -20.84 14.26 5.99
C ALA A 42 -19.41 14.33 6.51
N ALA A 43 -19.02 15.51 6.94
CA ALA A 43 -17.69 15.68 7.51
C ALA A 43 -17.73 16.93 8.34
N LYS A 44 -16.96 16.96 9.44
CA LYS A 44 -16.72 18.19 10.22
C LYS A 44 -15.55 18.04 11.19
N PHE A 45 -14.80 19.11 11.38
CA PHE A 45 -13.76 19.19 12.40
C PHE A 45 -14.50 19.59 13.70
N GLU A 46 -14.18 18.97 14.83
CA GLU A 46 -14.82 19.35 16.09
C GLU A 46 -14.03 19.00 17.36
N HIS A 47 -14.41 19.70 18.44
CA HIS A 47 -14.07 19.33 19.81
C HIS A 47 -15.29 18.62 20.38
N PRO A 48 -15.24 17.29 20.50
CA PRO A 48 -16.41 16.53 20.97
C PRO A 48 -16.77 16.83 22.45
N THR A 49 -18.03 16.56 22.82
CA THR A 49 -18.48 16.69 24.21
C THR A 49 -18.28 15.37 24.91
N MET A 50 -18.06 15.42 26.22
CA MET A 50 -17.94 14.18 26.98
C MET A 50 -19.14 13.23 26.79
N ASP A 51 -20.35 13.76 26.70
CA ASP A 51 -21.54 12.90 26.59
C ASP A 51 -21.55 12.07 25.31
N VAL A 52 -21.12 12.68 24.20
CA VAL A 52 -21.02 11.99 22.92
C VAL A 52 -19.93 10.94 22.99
N VAL A 53 -18.79 11.30 23.56
CA VAL A 53 -17.72 10.33 23.72
C VAL A 53 -18.15 9.15 24.59
N ALA A 54 -18.83 9.44 25.69
CA ALA A 54 -19.30 8.35 26.56
C ALA A 54 -20.28 7.42 25.86
N GLN A 55 -21.14 7.96 25.00
CA GLN A 55 -22.05 7.11 24.22
C GLN A 55 -21.28 6.35 23.17
N HIS A 56 -20.24 6.98 22.61
CA HIS A 56 -19.51 6.34 21.53
C HIS A 56 -18.87 5.07 22.05
N TYR A 57 -18.36 5.16 23.27
CA TYR A 57 -17.65 4.05 23.89
C TYR A 57 -18.52 3.29 24.90
N CYS A 58 -19.84 3.29 24.68
CA CYS A 58 -20.78 2.70 25.64
C CYS A 58 -20.47 1.23 25.97
N GLU A 59 -19.94 0.46 24.99
CA GLU A 59 -19.65 -0.96 25.17
C GLU A 59 -18.51 -1.22 26.16
N HIS A 60 -17.81 -0.15 26.55
CA HIS A 60 -16.72 -0.21 27.52
C HIS A 60 -17.07 0.57 28.79
N LYS A 61 -18.38 0.83 28.93
CA LYS A 61 -19.02 1.51 30.07
C LYS A 61 -18.29 1.37 31.44
N ASP A 62 -18.17 0.15 31.95
CA ASP A 62 -17.60 -0.02 33.30
C ASP A 62 -16.33 -0.87 33.35
N LYS A 63 -15.30 -0.40 32.65
CA LYS A 63 -13.97 -1.03 32.71
C LYS A 63 -12.93 -0.01 33.19
N PRO A 64 -11.75 -0.49 33.65
CA PRO A 64 -10.76 0.45 34.19
C PRO A 64 -10.27 1.56 33.25
N PHE A 65 -10.19 1.28 31.95
CA PHE A 65 -9.64 2.26 30.99
C PHE A 65 -10.64 3.34 30.54
N PHE A 66 -11.94 3.11 30.77
CA PHE A 66 -13.02 3.98 30.28
C PHE A 66 -12.81 5.47 30.49
N LYS A 67 -12.46 5.89 31.70
CA LYS A 67 -12.22 7.32 31.99
C LYS A 67 -11.11 7.91 31.11
N ASP A 68 -9.92 7.30 31.14
CA ASP A 68 -8.77 7.78 30.39
C ASP A 68 -9.05 7.89 28.87
N LEU A 69 -9.76 6.90 28.35
CA LEU A 69 -10.10 6.77 26.95
C LEU A 69 -11.05 7.88 26.52
N CYS A 70 -12.13 8.05 27.27
CA CYS A 70 -13.08 9.13 27.06
C CYS A 70 -12.39 10.49 27.15
N ASP A 71 -11.47 10.64 28.11
CA ASP A 71 -10.77 11.91 28.31
C ASP A 71 -9.90 12.25 27.09
N PHE A 72 -9.34 11.21 26.51
CA PHE A 72 -8.40 11.38 25.43
C PHE A 72 -9.12 11.91 24.18
N ILE A 73 -10.29 11.34 23.91
CA ILE A 73 -11.06 11.77 22.76
C ILE A 73 -11.85 13.07 22.94
N SER A 74 -12.44 13.25 24.11
CA SER A 74 -13.18 14.48 24.38
C SER A 74 -12.24 15.69 24.45
N HIS A 75 -10.99 15.48 24.88
CA HIS A 75 -10.04 16.59 24.83
C HIS A 75 -9.85 17.06 23.38
N GLY A 76 -10.00 16.11 22.45
CA GLY A 76 -9.99 16.35 21.01
C GLY A 76 -8.70 16.95 20.52
N PRO A 77 -8.74 17.57 19.34
CA PRO A 77 -9.85 17.64 18.40
C PRO A 77 -9.97 16.34 17.59
N VAL A 78 -11.09 16.15 16.90
CA VAL A 78 -11.27 14.99 16.03
C VAL A 78 -11.81 15.42 14.70
N PHE A 79 -11.65 14.59 13.66
CA PHE A 79 -12.27 14.90 12.38
C PHE A 79 -13.24 13.80 12.01
N CYS A 80 -14.52 14.17 11.86
CA CYS A 80 -15.63 13.23 11.69
C CYS A 80 -16.06 13.14 10.25
N MET A 81 -16.37 11.92 9.79
CA MET A 81 -16.84 11.68 8.41
C MET A 81 -17.86 10.57 8.39
N ILE A 82 -18.76 10.62 7.41
CA ILE A 82 -19.57 9.46 7.04
C ILE A 82 -19.34 9.21 5.56
N TRP A 83 -19.12 7.96 5.19
CA TRP A 83 -18.87 7.53 3.83
C TRP A 83 -19.88 6.48 3.42
N GLU A 84 -20.29 6.53 2.14
CA GLU A 84 -21.37 5.70 1.64
C GLU A 84 -20.90 4.80 0.50
N GLY A 85 -21.42 3.57 0.46
CA GLY A 85 -21.18 2.69 -0.69
C GLY A 85 -21.55 1.24 -0.40
N PRO A 86 -21.58 0.38 -1.43
CA PRO A 86 -21.75 -1.05 -1.15
C PRO A 86 -20.62 -1.52 -0.22
N GLU A 87 -21.00 -2.15 0.90
CA GLU A 87 -20.04 -2.71 1.85
C GLU A 87 -19.06 -1.68 2.35
N ALA A 88 -19.55 -0.46 2.48
CA ALA A 88 -18.76 0.62 3.02
C ALA A 88 -18.08 0.25 4.36
N ILE A 89 -18.80 -0.45 5.23
CA ILE A 89 -18.31 -0.72 6.58
C ILE A 89 -17.05 -1.59 6.53
N LYS A 90 -17.10 -2.66 5.72
CA LYS A 90 -15.97 -3.56 5.51
C LYS A 90 -14.81 -2.84 4.78
N ILE A 91 -15.14 -1.97 3.83
CA ILE A 91 -14.14 -1.20 3.12
C ILE A 91 -13.41 -0.24 4.06
N GLY A 92 -14.14 0.39 4.98
CA GLY A 92 -13.53 1.26 5.96
C GLY A 92 -12.49 0.52 6.81
N ARG A 93 -12.88 -0.69 7.24
CA ARG A 93 -12.02 -1.57 8.03
C ARG A 93 -10.82 -1.95 7.23
N ASN A 94 -11.02 -2.30 5.96
CA ASN A 94 -9.88 -2.59 5.08
C ASN A 94 -8.89 -1.44 4.88
N LEU A 95 -9.37 -0.20 4.85
CA LEU A 95 -8.51 0.89 4.54
C LEU A 95 -7.69 1.26 5.78
N VAL A 96 -8.33 1.10 6.93
CA VAL A 96 -7.77 1.48 8.22
C VAL A 96 -6.77 0.43 8.74
N GLY A 97 -7.13 -0.85 8.58
CA GLY A 97 -6.27 -1.96 9.05
C GLY A 97 -6.73 -2.59 10.36
N LEU A 98 -5.88 -3.41 10.96
CA LEU A 98 -6.25 -4.07 12.21
C LEU A 98 -6.06 -3.14 13.39
N THR A 99 -6.79 -3.39 14.48
CA THR A 99 -6.66 -2.64 15.71
C THR A 99 -5.21 -2.32 16.11
N SER A 100 -4.34 -3.32 16.13
CA SER A 100 -2.96 -3.05 16.42
C SER A 100 -2.12 -2.68 15.16
N PRO A 101 -1.56 -1.48 15.13
CA PRO A 101 -0.81 -1.12 13.92
C PRO A 101 0.32 -2.12 13.58
N VAL A 102 0.98 -2.66 14.61
CA VAL A 102 2.03 -3.66 14.41
C VAL A 102 1.52 -4.90 13.64
N GLU A 103 0.23 -5.19 13.70
CA GLU A 103 -0.35 -6.29 12.95
C GLU A 103 -0.98 -5.84 11.62
N SER A 104 -0.98 -4.53 11.38
CA SER A 104 -1.57 -3.98 10.17
C SER A 104 -0.63 -4.04 8.96
N ALA A 105 -1.18 -4.45 7.82
CA ALA A 105 -0.35 -4.58 6.65
C ALA A 105 -0.06 -3.18 6.07
N ALA A 106 1.15 -3.01 5.53
CA ALA A 106 1.53 -1.78 4.84
C ALA A 106 0.51 -1.56 3.75
N GLY A 107 0.20 -0.29 3.49
CA GLY A 107 -0.87 0.10 2.61
C GLY A 107 -2.08 0.63 3.35
N THR A 108 -2.28 0.14 4.58
CA THR A 108 -3.43 0.58 5.38
C THR A 108 -2.98 1.78 6.15
N ILE A 109 -3.94 2.55 6.66
CA ILE A 109 -3.59 3.75 7.39
C ILE A 109 -2.74 3.39 8.61
N ARG A 110 -3.22 2.42 9.39
CA ARG A 110 -2.49 2.00 10.57
C ARG A 110 -1.18 1.34 10.15
N GLY A 111 -1.20 0.58 9.05
CA GLY A 111 0.01 -0.08 8.58
C GLY A 111 1.06 0.96 8.20
N ASP A 112 0.62 2.06 7.58
CA ASP A 112 1.56 3.02 7.03
C ASP A 112 1.99 4.06 8.06
N PHE A 113 1.16 4.28 9.09
CA PHE A 113 1.40 5.42 9.97
C PHE A 113 1.45 5.17 11.49
N GLY A 114 1.00 4.00 11.93
CA GLY A 114 0.82 3.79 13.35
C GLY A 114 1.85 2.86 13.94
N VAL A 115 2.01 2.95 15.27
CA VAL A 115 2.97 2.09 15.96
C VAL A 115 2.33 1.25 17.08
N VAL A 116 1.51 1.87 17.93
CA VAL A 116 0.91 1.21 19.10
C VAL A 116 -0.60 1.42 19.05
N LYS A 117 -1.36 0.47 19.61
CA LYS A 117 -2.83 0.60 19.53
C LYS A 117 -3.44 1.82 20.23
N ASN A 118 -2.81 2.30 21.31
CA ASN A 118 -3.32 3.50 21.99
C ASN A 118 -3.38 4.71 21.06
N PHE A 119 -2.56 4.66 19.99
CA PHE A 119 -2.38 5.79 19.08
C PHE A 119 -2.53 5.32 17.65
N ASN A 120 -3.71 4.80 17.34
CA ASN A 120 -3.92 4.17 16.06
C ASN A 120 -4.69 5.02 15.08
N ILE A 121 -4.52 6.34 15.24
CA ILE A 121 -4.79 7.35 14.22
C ILE A 121 -6.27 7.62 13.94
N VAL A 122 -7.07 6.57 13.77
CA VAL A 122 -8.34 6.71 13.11
C VAL A 122 -9.31 5.64 13.59
N HIS A 123 -10.59 5.98 13.62
CA HIS A 123 -11.62 4.99 13.98
C HIS A 123 -12.42 4.67 12.73
N ALA A 124 -12.76 3.40 12.55
CA ALA A 124 -13.77 3.02 11.55
C ALA A 124 -14.83 2.19 12.20
N SER A 125 -16.08 2.29 11.73
CA SER A 125 -17.17 1.52 12.33
C SER A 125 -16.86 0.05 12.20
N SER A 126 -17.25 -0.72 13.20
CA SER A 126 -16.97 -2.13 13.26
C SER A 126 -18.02 -3.06 12.60
N SER A 127 -19.27 -2.64 12.62
CA SER A 127 -20.38 -3.50 12.24
C SER A 127 -21.54 -2.60 11.81
N ALA A 128 -22.56 -3.20 11.17
CA ALA A 128 -23.77 -2.49 10.78
C ALA A 128 -24.45 -1.80 11.98
N GLU A 129 -24.51 -2.51 13.10
CA GLU A 129 -25.09 -1.97 14.31
C GLU A 129 -24.25 -0.80 14.83
N ASP A 130 -22.93 -0.95 14.89
CA ASP A 130 -22.09 0.18 15.33
C ASP A 130 -22.18 1.37 14.40
N ALA A 131 -22.25 1.10 13.09
CA ALA A 131 -22.31 2.17 12.09
C ALA A 131 -23.60 2.97 12.24
N ALA A 132 -24.71 2.26 12.47
CA ALA A 132 -26.02 2.90 12.57
C ALA A 132 -26.05 3.87 13.76
N ARG A 133 -25.44 3.46 14.86
CA ARG A 133 -25.41 4.27 16.06
C ARG A 133 -24.49 5.46 15.82
N GLU A 134 -23.29 5.15 15.33
CA GLU A 134 -22.23 6.15 15.24
C GLU A 134 -22.61 7.29 14.29
N CYS A 135 -23.21 6.94 13.14
CA CYS A 135 -23.61 7.96 12.14
C CYS A 135 -24.65 8.94 12.67
N ALA A 136 -25.64 8.40 13.39
CA ALA A 136 -26.67 9.24 14.03
C ALA A 136 -26.15 9.97 15.26
N LEU A 137 -25.22 9.34 15.98
CA LEU A 137 -24.63 9.94 17.18
C LEU A 137 -23.70 11.13 16.91
N TRP A 138 -22.85 11.05 15.88
CA TRP A 138 -21.84 12.11 15.67
C TRP A 138 -22.33 13.27 14.77
N PHE A 139 -23.37 13.00 13.99
CA PHE A 139 -23.87 13.96 13.01
C PHE A 139 -25.37 14.15 13.16
N THR A 140 -25.82 15.39 13.19
CA THR A 140 -27.27 15.63 13.17
C THR A 140 -27.69 15.38 11.74
N PRO A 141 -28.96 15.02 11.52
CA PRO A 141 -29.44 14.78 10.12
C PRO A 141 -29.35 15.95 9.12
N GLU A 142 -29.33 17.20 9.58
CA GLU A 142 -29.15 18.33 8.66
C GLU A 142 -27.70 18.42 8.14
N GLN A 143 -26.81 17.62 8.72
CA GLN A 143 -25.42 17.61 8.32
C GLN A 143 -25.16 16.54 7.26
N LEU A 144 -26.19 15.79 6.89
CA LEU A 144 -26.03 14.80 5.86
C LEU A 144 -26.23 15.48 4.52
N VAL A 145 -25.33 15.25 3.57
CA VAL A 145 -25.41 15.95 2.31
C VAL A 145 -25.97 15.01 1.23
N THR A 146 -27.07 15.41 0.59
CA THR A 146 -27.57 14.76 -0.60
C THR A 146 -26.90 15.42 -1.83
N TRP A 147 -26.31 14.59 -2.68
CA TRP A 147 -25.73 15.03 -3.95
C TRP A 147 -25.54 13.84 -4.85
N GLU A 148 -25.26 14.11 -6.14
CA GLU A 148 -25.05 13.04 -7.10
C GLU A 148 -23.74 13.19 -7.89
N ARG A 149 -22.95 12.12 -7.93
CA ARG A 149 -21.68 12.13 -8.64
C ARG A 149 -21.88 11.83 -10.11
N SER A 150 -21.51 12.76 -10.96
CA SER A 150 -21.50 12.50 -12.39
C SER A 150 -20.71 11.22 -12.72
N VAL A 151 -19.61 10.97 -12.00
CA VAL A 151 -18.76 9.81 -12.24
C VAL A 151 -19.23 8.52 -11.53
N GLY A 152 -20.20 8.67 -10.63
CA GLY A 152 -20.68 7.59 -9.76
C GLY A 152 -20.96 6.26 -10.39
N GLY A 153 -21.50 6.27 -11.62
CA GLY A 153 -21.94 5.07 -12.31
C GLY A 153 -20.79 4.22 -12.82
N TRP A 154 -19.59 4.80 -12.81
CA TRP A 154 -18.37 4.06 -13.08
C TRP A 154 -17.70 3.57 -11.79
N ILE A 155 -18.30 3.82 -10.61
CA ILE A 155 -17.71 3.33 -9.36
C ILE A 155 -18.53 2.16 -8.82
N TYR A 156 -19.85 2.30 -8.84
CA TYR A 156 -20.78 1.22 -8.51
C TYR A 156 -22.19 1.56 -8.95
N MET B 9 11.14 -15.69 -17.22
CA MET B 9 10.96 -14.44 -18.04
C MET B 9 9.65 -14.43 -18.81
N GLU B 10 8.72 -13.55 -18.43
CA GLU B 10 7.35 -13.61 -18.94
C GLU B 10 6.92 -12.26 -19.47
N ARG B 11 5.81 -12.27 -20.21
CA ARG B 11 5.13 -11.06 -20.66
C ARG B 11 3.68 -11.16 -20.25
N THR B 12 3.16 -10.14 -19.58
CA THR B 12 1.77 -10.12 -19.14
C THR B 12 1.02 -8.97 -19.80
N TYR B 13 -0.26 -9.23 -20.05
CA TYR B 13 -1.12 -8.23 -20.64
C TYR B 13 -1.90 -7.53 -19.52
N ILE B 14 -1.79 -6.20 -19.46
CA ILE B 14 -2.47 -5.37 -18.44
C ILE B 14 -3.33 -4.37 -19.22
N MET B 15 -4.61 -4.23 -18.85
CA MET B 15 -5.52 -3.36 -19.58
C MET B 15 -6.35 -2.52 -18.63
N VAL B 16 -6.22 -1.21 -18.77
CA VAL B 16 -7.04 -0.30 -18.03
C VAL B 16 -8.41 -0.30 -18.69
N LYS B 17 -9.40 -0.71 -17.93
CA LYS B 17 -10.76 -0.85 -18.43
C LYS B 17 -11.47 0.51 -18.44
N PRO B 18 -12.65 0.58 -19.08
CA PRO B 18 -13.34 1.85 -19.24
C PRO B 18 -13.56 2.65 -17.95
N ASP B 19 -13.95 1.98 -16.86
CA ASP B 19 -14.12 2.65 -15.58
C ASP B 19 -12.80 3.26 -15.09
N GLY B 20 -11.69 2.55 -15.30
CA GLY B 20 -10.38 3.09 -14.97
C GLY B 20 -10.10 4.39 -15.72
N VAL B 21 -10.50 4.42 -17.00
CA VAL B 21 -10.18 5.56 -17.87
C VAL B 21 -11.10 6.71 -17.49
N GLN B 22 -12.39 6.39 -17.27
CA GLN B 22 -13.32 7.42 -16.82
C GLN B 22 -12.90 8.07 -15.50
N ARG B 23 -12.25 7.31 -14.63
CA ARG B 23 -11.91 7.83 -13.33
C ARG B 23 -10.52 8.50 -13.28
N GLY B 24 -9.83 8.62 -14.43
CA GLY B 24 -8.51 9.29 -14.47
C GLY B 24 -7.39 8.47 -13.84
N LEU B 25 -7.45 7.14 -14.04
CA LEU B 25 -6.49 6.24 -13.39
C LEU B 25 -5.40 5.65 -14.30
N ILE B 26 -5.40 5.98 -15.61
CA ILE B 26 -4.38 5.43 -16.50
C ILE B 26 -2.96 5.67 -15.96
N GLY B 27 -2.61 6.91 -15.66
CA GLY B 27 -1.24 7.23 -15.23
C GLY B 27 -0.85 6.56 -13.94
N GLU B 28 -1.78 6.59 -12.97
CA GLU B 28 -1.60 5.91 -11.69
C GLU B 28 -1.21 4.44 -11.87
N ILE B 29 -1.90 3.75 -12.77
CA ILE B 29 -1.68 2.33 -12.96
C ILE B 29 -0.37 2.07 -13.69
N LEU B 30 -0.14 2.83 -14.75
CA LEU B 30 1.09 2.72 -15.51
C LEU B 30 2.27 2.95 -14.57
N LYS B 31 2.20 4.03 -13.80
CA LYS B 31 3.23 4.39 -12.86
C LYS B 31 3.51 3.28 -11.83
N ARG B 32 2.48 2.55 -11.39
CA ARG B 32 2.70 1.48 -10.43
C ARG B 32 3.45 0.30 -11.06
N PHE B 33 3.16 0.00 -12.32
CA PHE B 33 3.88 -1.05 -13.01
C PHE B 33 5.32 -0.64 -13.28
N GLU B 34 5.48 0.65 -13.57
CA GLU B 34 6.76 1.16 -13.93
C GLU B 34 7.65 1.17 -12.67
N MET B 35 7.11 1.64 -11.54
CA MET B 35 7.87 1.63 -10.29
CA MET B 35 7.73 1.61 -10.19
C MET B 35 8.20 0.21 -9.82
N LYS B 36 7.31 -0.76 -10.04
CA LYS B 36 7.60 -2.14 -9.70
C LYS B 36 8.88 -2.65 -10.39
N GLY B 37 9.19 -2.11 -11.56
CA GLY B 37 10.41 -2.48 -12.26
C GLY B 37 10.22 -3.43 -13.42
N LEU B 38 9.00 -3.83 -13.76
CA LEU B 38 8.77 -4.64 -14.94
C LEU B 38 9.14 -3.79 -16.15
N LYS B 39 9.53 -4.40 -17.26
CA LYS B 39 9.89 -3.57 -18.42
C LYS B 39 8.73 -3.41 -19.39
N LEU B 40 8.42 -2.16 -19.73
CA LEU B 40 7.33 -1.86 -20.66
C LEU B 40 7.69 -2.27 -22.08
N ILE B 41 6.82 -3.08 -22.66
CA ILE B 41 7.01 -3.59 -24.02
C ILE B 41 6.07 -2.91 -25.03
N ALA B 42 4.83 -2.73 -24.64
CA ALA B 42 3.83 -2.19 -25.57
C ALA B 42 2.77 -1.41 -24.79
N ALA B 43 2.25 -0.36 -25.42
CA ALA B 43 1.16 0.44 -24.86
C ALA B 43 0.35 1.12 -25.96
N LYS B 44 -0.96 1.18 -25.77
CA LYS B 44 -1.80 1.99 -26.64
C LYS B 44 -3.19 2.21 -26.05
N PHE B 45 -3.73 3.39 -26.36
CA PHE B 45 -5.05 3.83 -26.00
C PHE B 45 -5.91 3.59 -27.23
N GLU B 46 -7.05 2.92 -27.04
CA GLU B 46 -7.88 2.56 -28.18
C GLU B 46 -9.34 2.35 -27.84
N HIS B 47 -10.18 2.44 -28.86
CA HIS B 47 -11.54 1.97 -28.86
C HIS B 47 -11.43 0.56 -29.41
N PRO B 48 -11.64 -0.47 -28.59
CA PRO B 48 -11.46 -1.85 -29.09
C PRO B 48 -12.54 -2.27 -30.09
N THR B 49 -12.23 -3.20 -30.98
CA THR B 49 -13.23 -3.72 -31.94
C THR B 49 -14.03 -4.81 -31.25
N MET B 50 -15.32 -4.93 -31.58
CA MET B 50 -16.14 -6.01 -31.03
C MET B 50 -15.53 -7.41 -31.25
N ASP B 51 -14.89 -7.63 -32.41
CA ASP B 51 -14.29 -8.94 -32.70
C ASP B 51 -13.25 -9.31 -31.63
N VAL B 52 -12.33 -8.37 -31.35
CA VAL B 52 -11.28 -8.56 -30.35
C VAL B 52 -11.88 -8.85 -28.97
N VAL B 53 -12.87 -8.06 -28.59
CA VAL B 53 -13.49 -8.19 -27.27
C VAL B 53 -14.12 -9.58 -27.05
N ALA B 54 -14.97 -10.02 -27.97
CA ALA B 54 -15.59 -11.34 -27.90
C ALA B 54 -14.58 -12.49 -27.90
N GLN B 55 -13.46 -12.28 -28.58
CA GLN B 55 -12.38 -13.27 -28.61
C GLN B 55 -11.63 -13.30 -27.27
N HIS B 56 -11.30 -12.11 -26.74
CA HIS B 56 -10.65 -12.00 -25.44
C HIS B 56 -11.44 -12.70 -24.37
N TYR B 57 -12.76 -12.48 -24.40
CA TYR B 57 -13.66 -13.04 -23.41
C TYR B 57 -14.36 -14.31 -23.92
N CYS B 58 -13.66 -15.12 -24.72
CA CYS B 58 -14.30 -16.30 -25.35
C CYS B 58 -14.70 -17.40 -24.36
N GLU B 59 -13.92 -17.57 -23.29
CA GLU B 59 -14.22 -18.55 -22.24
C GLU B 59 -15.66 -18.39 -21.72
N HIS B 60 -16.24 -17.21 -21.94
CA HIS B 60 -17.61 -16.88 -21.51
C HIS B 60 -18.64 -16.83 -22.66
N LYS B 61 -18.35 -17.51 -23.77
CA LYS B 61 -19.19 -17.46 -25.00
C LYS B 61 -20.70 -17.65 -24.76
N ASP B 62 -21.07 -18.76 -24.12
CA ASP B 62 -22.48 -19.04 -23.83
C ASP B 62 -22.75 -18.82 -22.33
N LYS B 63 -23.27 -17.63 -22.00
CA LYS B 63 -23.49 -17.21 -20.60
C LYS B 63 -24.40 -15.98 -20.56
N PRO B 64 -25.29 -15.88 -19.55
CA PRO B 64 -26.17 -14.71 -19.43
C PRO B 64 -25.48 -13.34 -19.56
N PHE B 65 -24.32 -13.16 -18.94
CA PHE B 65 -23.67 -11.83 -18.89
C PHE B 65 -22.72 -11.47 -20.06
N PHE B 66 -22.66 -12.33 -21.09
CA PHE B 66 -21.72 -12.17 -22.19
C PHE B 66 -21.96 -10.89 -23.03
N LYS B 67 -23.21 -10.69 -23.47
CA LYS B 67 -23.57 -9.56 -24.34
C LYS B 67 -23.34 -8.19 -23.65
N ASP B 68 -23.58 -8.12 -22.34
CA ASP B 68 -23.34 -6.88 -21.58
C ASP B 68 -21.86 -6.62 -21.30
N LEU B 69 -21.13 -7.69 -20.95
CA LEU B 69 -19.69 -7.64 -20.70
C LEU B 69 -18.92 -7.16 -21.93
N CYS B 70 -19.17 -7.77 -23.08
CA CYS B 70 -18.57 -7.33 -24.35
C CYS B 70 -18.93 -5.90 -24.71
N ASP B 71 -20.22 -5.55 -24.63
CA ASP B 71 -20.67 -4.17 -24.94
C ASP B 71 -19.89 -3.15 -24.10
N PHE B 72 -19.81 -3.42 -22.80
CA PHE B 72 -19.11 -2.54 -21.86
C PHE B 72 -17.66 -2.26 -22.29
N ILE B 73 -16.91 -3.31 -22.60
CA ILE B 73 -15.51 -3.17 -22.99
C ILE B 73 -15.31 -2.63 -24.42
N SER B 74 -16.06 -3.17 -25.39
CA SER B 74 -15.97 -2.67 -26.78
C SER B 74 -16.49 -1.21 -26.94
N HIS B 75 -17.46 -0.82 -26.12
CA HIS B 75 -17.81 0.61 -26.10
C HIS B 75 -16.56 1.44 -25.75
N GLY B 76 -15.72 0.91 -24.86
CA GLY B 76 -14.40 1.48 -24.62
C GLY B 76 -14.52 2.78 -23.85
N PRO B 77 -13.44 3.55 -23.79
CA PRO B 77 -12.12 3.21 -24.30
C PRO B 77 -11.32 2.33 -23.31
N VAL B 78 -10.17 1.81 -23.75
CA VAL B 78 -9.33 1.04 -22.85
C VAL B 78 -7.91 1.53 -23.05
N PHE B 79 -7.04 1.30 -22.06
CA PHE B 79 -5.61 1.50 -22.27
C PHE B 79 -4.90 0.15 -22.15
N CYS B 80 -4.32 -0.31 -23.26
CA CYS B 80 -3.64 -1.63 -23.36
C CYS B 80 -2.15 -1.57 -23.08
N MET B 81 -1.61 -2.57 -22.39
CA MET B 81 -0.16 -2.63 -22.04
C MET B 81 0.44 -4.03 -22.09
N ILE B 82 1.75 -4.11 -22.36
CA ILE B 82 2.51 -5.34 -22.14
C ILE B 82 3.68 -5.04 -21.24
N TRP B 83 3.84 -5.89 -20.23
CA TRP B 83 4.90 -5.72 -19.27
C TRP B 83 5.73 -6.98 -19.17
N GLU B 84 7.05 -6.79 -19.10
CA GLU B 84 8.00 -7.90 -19.15
C GLU B 84 8.80 -7.99 -17.87
N GLY B 85 9.03 -9.22 -17.41
CA GLY B 85 9.92 -9.46 -16.26
C GLY B 85 9.91 -10.90 -15.75
N PRO B 86 10.89 -11.26 -14.93
CA PRO B 86 10.78 -12.57 -14.27
C PRO B 86 9.45 -12.65 -13.48
N GLU B 87 8.63 -13.67 -13.75
CA GLU B 87 7.33 -13.88 -13.09
C GLU B 87 6.42 -12.64 -13.18
N ALA B 88 6.39 -12.04 -14.38
CA ALA B 88 5.58 -10.85 -14.62
C ALA B 88 4.09 -11.07 -14.39
N ILE B 89 3.61 -12.28 -14.65
CA ILE B 89 2.18 -12.53 -14.62
C ILE B 89 1.65 -12.48 -13.18
N LYS B 90 2.26 -13.31 -12.34
CA LYS B 90 2.01 -13.31 -10.92
C LYS B 90 2.16 -11.89 -10.32
N ILE B 91 3.14 -11.14 -10.81
CA ILE B 91 3.41 -9.80 -10.29
C ILE B 91 2.23 -8.85 -10.66
N GLY B 92 1.73 -9.00 -11.88
CA GLY B 92 0.59 -8.24 -12.35
C GLY B 92 -0.58 -8.45 -11.41
N ARG B 93 -0.87 -9.72 -11.15
CA ARG B 93 -1.88 -10.13 -10.17
C ARG B 93 -1.64 -9.52 -8.76
N ASN B 94 -0.40 -9.55 -8.29
CA ASN B 94 -0.08 -8.93 -7.00
C ASN B 94 -0.36 -7.43 -6.98
N LEU B 95 -0.04 -6.73 -8.07
CA LEU B 95 -0.19 -5.28 -8.11
C LEU B 95 -1.66 -4.91 -8.19
N VAL B 96 -2.41 -5.71 -8.93
CA VAL B 96 -3.81 -5.40 -9.21
C VAL B 96 -4.75 -5.77 -8.04
N GLY B 97 -4.53 -6.95 -7.45
CA GLY B 97 -5.37 -7.43 -6.34
C GLY B 97 -6.33 -8.52 -6.77
N LEU B 98 -7.20 -8.98 -5.89
CA LEU B 98 -8.12 -10.08 -6.25
C LEU B 98 -9.31 -9.53 -7.02
N THR B 99 -9.98 -10.42 -7.78
CA THR B 99 -11.15 -10.06 -8.58
C THR B 99 -12.14 -9.12 -7.90
N SER B 100 -12.44 -9.38 -6.65
CA SER B 100 -13.35 -8.50 -5.97
C SER B 100 -12.59 -7.47 -5.08
N PRO B 101 -12.79 -6.15 -5.32
CA PRO B 101 -12.07 -5.10 -4.61
C PRO B 101 -12.30 -5.11 -3.10
N VAL B 102 -13.48 -5.54 -2.67
CA VAL B 102 -13.77 -5.60 -1.25
C VAL B 102 -12.84 -6.61 -0.57
N GLU B 103 -12.44 -7.62 -1.33
N GLU B 103 -12.44 -7.64 -1.30
CA GLU B 103 -11.53 -8.67 -0.88
CA GLU B 103 -11.50 -8.63 -0.76
C GLU B 103 -10.07 -8.41 -1.24
C GLU B 103 -10.04 -8.27 -1.03
N SER B 104 -9.81 -7.27 -1.89
CA SER B 104 -8.45 -6.87 -2.25
C SER B 104 -7.80 -6.01 -1.17
N ALA B 105 -6.56 -6.34 -0.82
CA ALA B 105 -5.91 -5.59 0.26
C ALA B 105 -5.44 -4.19 -0.20
N ALA B 106 -5.38 -3.25 0.75
CA ALA B 106 -4.91 -1.89 0.50
C ALA B 106 -3.53 -2.05 -0.11
N GLY B 107 -3.17 -1.10 -0.97
CA GLY B 107 -1.87 -1.13 -1.61
C GLY B 107 -2.00 -1.64 -3.01
N THR B 108 -2.97 -2.51 -3.29
CA THR B 108 -3.15 -2.96 -4.67
C THR B 108 -4.02 -1.94 -5.39
N ILE B 109 -4.08 -2.04 -6.72
CA ILE B 109 -4.92 -1.13 -7.48
C ILE B 109 -6.37 -1.23 -7.05
N ARG B 110 -6.90 -2.45 -7.00
CA ARG B 110 -8.31 -2.64 -6.65
C ARG B 110 -8.57 -2.34 -5.16
N GLY B 111 -7.57 -2.62 -4.31
CA GLY B 111 -7.72 -2.37 -2.90
C GLY B 111 -7.75 -0.89 -2.61
N ASP B 112 -6.96 -0.12 -3.36
CA ASP B 112 -6.91 1.33 -3.15
C ASP B 112 -8.04 2.12 -3.82
N PHE B 113 -8.51 1.67 -4.99
CA PHE B 113 -9.45 2.46 -5.80
C PHE B 113 -10.80 1.77 -6.16
N GLY B 114 -10.96 0.47 -5.91
CA GLY B 114 -12.16 -0.22 -6.38
C GLY B 114 -13.17 -0.50 -5.28
N VAL B 115 -14.44 -0.67 -5.67
CA VAL B 115 -15.52 -0.91 -4.71
C VAL B 115 -16.28 -2.18 -5.06
N VAL B 116 -16.66 -2.27 -6.33
CA VAL B 116 -17.38 -3.43 -6.79
C VAL B 116 -16.66 -4.08 -7.95
N LYS B 117 -17.15 -5.27 -8.22
CA LYS B 117 -16.41 -6.21 -9.00
C LYS B 117 -16.65 -6.02 -10.52
N ASN B 118 -17.85 -5.57 -10.88
CA ASN B 118 -18.17 -5.09 -12.24
C ASN B 118 -17.35 -3.88 -12.68
N PHE B 119 -16.77 -3.18 -11.70
CA PHE B 119 -16.07 -1.94 -11.94
C PHE B 119 -14.73 -1.99 -11.20
N ASN B 120 -13.91 -2.96 -11.62
CA ASN B 120 -12.67 -3.25 -10.91
C ASN B 120 -11.46 -2.82 -11.70
N ILE B 121 -11.70 -1.83 -12.59
CA ILE B 121 -10.68 -0.87 -13.03
C ILE B 121 -9.68 -1.34 -14.07
N VAL B 122 -9.13 -2.53 -13.88
CA VAL B 122 -8.03 -3.00 -14.70
C VAL B 122 -8.05 -4.52 -14.84
N HIS B 123 -7.60 -5.01 -15.98
CA HIS B 123 -7.41 -6.41 -16.18
C HIS B 123 -5.95 -6.80 -16.04
N ALA B 124 -5.69 -7.98 -15.45
CA ALA B 124 -4.36 -8.58 -15.56
C ALA B 124 -4.40 -10.03 -16.02
N SER B 125 -3.52 -10.37 -16.94
CA SER B 125 -3.34 -11.76 -17.30
C SER B 125 -3.36 -12.68 -16.08
N SER B 126 -4.15 -13.72 -16.23
CA SER B 126 -4.45 -14.68 -15.18
C SER B 126 -3.40 -15.80 -15.07
N SER B 127 -2.86 -16.25 -16.21
CA SER B 127 -1.91 -17.39 -16.27
C SER B 127 -1.02 -17.27 -17.50
N ALA B 128 -0.03 -18.14 -17.61
CA ALA B 128 0.91 -18.11 -18.76
C ALA B 128 0.15 -18.27 -20.09
N GLU B 129 -0.78 -19.21 -20.09
CA GLU B 129 -1.63 -19.53 -21.22
C GLU B 129 -2.42 -18.27 -21.61
N ASP B 130 -3.14 -17.71 -20.65
CA ASP B 130 -3.90 -16.47 -20.87
C ASP B 130 -3.04 -15.30 -21.38
N ALA B 131 -1.87 -15.10 -20.77
CA ALA B 131 -0.98 -14.01 -21.18
C ALA B 131 -0.56 -14.10 -22.67
N ALA B 132 -0.07 -15.28 -23.08
CA ALA B 132 0.33 -15.51 -24.48
C ALA B 132 -0.81 -15.23 -25.47
N ARG B 133 -2.01 -15.65 -25.11
CA ARG B 133 -3.19 -15.40 -25.95
C ARG B 133 -3.44 -13.90 -26.02
N GLU B 134 -3.53 -13.28 -24.85
CA GLU B 134 -3.90 -11.87 -24.75
C GLU B 134 -2.89 -10.94 -25.42
N CYS B 135 -1.60 -11.19 -25.23
CA CYS B 135 -0.56 -10.40 -25.91
C CYS B 135 -0.69 -10.48 -27.44
N ALA B 136 -0.76 -11.70 -27.97
CA ALA B 136 -0.89 -11.89 -29.43
C ALA B 136 -2.14 -11.23 -29.99
N LEU B 137 -3.15 -11.13 -29.14
CA LEU B 137 -4.48 -10.69 -29.57
C LEU B 137 -4.71 -9.19 -29.50
N TRP B 138 -4.25 -8.51 -28.45
CA TRP B 138 -4.52 -7.06 -28.32
C TRP B 138 -3.44 -6.21 -29.01
N PHE B 139 -2.34 -6.84 -29.36
CA PHE B 139 -1.22 -6.12 -29.96
C PHE B 139 -0.77 -6.81 -31.24
N THR B 140 -0.24 -6.04 -32.19
CA THR B 140 0.37 -6.65 -33.39
C THR B 140 1.88 -6.70 -33.15
N PRO B 141 2.56 -7.71 -33.73
CA PRO B 141 4.02 -7.86 -33.63
C PRO B 141 4.83 -6.55 -33.71
N GLU B 142 4.39 -5.61 -34.54
CA GLU B 142 5.15 -4.39 -34.79
C GLU B 142 4.85 -3.30 -33.75
N GLN B 143 3.91 -3.58 -32.84
CA GLN B 143 3.68 -2.69 -31.71
C GLN B 143 4.57 -3.02 -30.50
N LEU B 144 5.27 -4.16 -30.57
CA LEU B 144 6.17 -4.57 -29.48
C LEU B 144 7.49 -3.86 -29.65
N VAL B 145 7.96 -3.25 -28.58
CA VAL B 145 9.14 -2.41 -28.64
C VAL B 145 10.36 -3.13 -28.06
N THR B 146 11.45 -3.14 -28.82
CA THR B 146 12.71 -3.70 -28.36
C THR B 146 13.53 -2.54 -27.90
N TRP B 147 14.02 -2.61 -26.67
CA TRP B 147 14.89 -1.58 -26.11
C TRP B 147 15.64 -2.14 -24.90
N GLU B 148 16.63 -1.39 -24.43
CA GLU B 148 17.38 -1.84 -23.27
C GLU B 148 17.57 -0.77 -22.18
N ARG B 149 17.21 -1.11 -20.95
CA ARG B 149 17.36 -0.21 -19.82
C ARG B 149 18.78 -0.16 -19.30
N SER B 150 19.36 1.02 -19.21
CA SER B 150 20.65 1.14 -18.55
C SER B 150 20.62 0.68 -17.09
N VAL B 151 19.50 0.89 -16.40
CA VAL B 151 19.37 0.55 -14.99
C VAL B 151 18.89 -0.91 -14.83
N GLY B 152 18.56 -1.54 -15.94
CA GLY B 152 17.87 -2.83 -15.91
C GLY B 152 18.59 -3.95 -15.17
N GLY B 153 19.93 -3.91 -15.20
CA GLY B 153 20.75 -4.91 -14.50
C GLY B 153 20.73 -4.79 -12.98
N TRP B 154 20.11 -3.70 -12.50
CA TRP B 154 19.89 -3.49 -11.06
C TRP B 154 18.50 -3.88 -10.61
N ILE B 155 17.69 -4.39 -11.53
CA ILE B 155 16.31 -4.78 -11.22
C ILE B 155 16.18 -6.29 -11.29
N TYR B 156 16.79 -6.90 -12.29
CA TYR B 156 16.89 -8.37 -12.40
C TYR B 156 17.86 -8.78 -13.48
N MET C 9 10.62 -1.61 23.53
CA MET C 9 11.38 -0.46 22.93
C MET C 9 12.65 -0.94 22.23
N GLU C 10 12.69 -0.82 20.91
CA GLU C 10 13.75 -1.46 20.13
C GLU C 10 14.43 -0.52 19.15
N ARG C 11 15.60 -0.91 18.66
CA ARG C 11 16.27 -0.21 17.58
C ARG C 11 16.52 -1.20 16.47
N THR C 12 16.19 -0.84 15.23
CA THR C 12 16.42 -1.79 14.15
C THR C 12 17.33 -1.15 13.11
N TYR C 13 18.16 -1.97 12.49
CA TYR C 13 19.07 -1.48 11.46
C TYR C 13 18.42 -1.64 10.08
N ILE C 14 18.39 -0.55 9.32
CA ILE C 14 17.75 -0.58 8.00
C ILE C 14 18.77 -0.04 7.00
N MET C 15 18.87 -0.72 5.87
CA MET C 15 19.94 -0.40 4.91
C MET C 15 19.45 -0.46 3.49
N VAL C 16 19.53 0.69 2.81
CA VAL C 16 19.24 0.71 1.39
C VAL C 16 20.46 0.13 0.68
N LYS C 17 20.21 -0.93 -0.06
CA LYS C 17 21.26 -1.67 -0.74
C LYS C 17 21.61 -1.00 -2.07
N PRO C 18 22.69 -1.46 -2.73
CA PRO C 18 23.14 -0.71 -3.93
C PRO C 18 22.11 -0.64 -5.04
N ASP C 19 21.34 -1.70 -5.25
CA ASP C 19 20.28 -1.66 -6.26
C ASP C 19 19.25 -0.57 -5.91
N GLY C 20 18.94 -0.44 -4.62
CA GLY C 20 18.04 0.62 -4.17
C GLY C 20 18.59 2.03 -4.38
N VAL C 21 19.89 2.18 -4.24
CA VAL C 21 20.54 3.46 -4.40
C VAL C 21 20.55 3.84 -5.87
N GLN C 22 20.95 2.88 -6.71
CA GLN C 22 20.99 3.05 -8.16
C GLN C 22 19.65 3.43 -8.75
N ARG C 23 18.57 2.93 -8.15
CA ARG C 23 17.23 3.18 -8.63
C ARG C 23 16.57 4.44 -8.06
N GLY C 24 17.29 5.21 -7.26
CA GLY C 24 16.74 6.44 -6.74
C GLY C 24 15.69 6.25 -5.64
N LEU C 25 15.90 5.25 -4.79
CA LEU C 25 14.91 4.87 -3.80
C LEU C 25 15.26 5.26 -2.35
N ILE C 26 16.38 5.97 -2.13
CA ILE C 26 16.81 6.23 -0.75
C ILE C 26 15.73 7.03 -0.07
N GLY C 27 15.27 8.09 -0.74
CA GLY C 27 14.37 9.07 -0.14
C GLY C 27 13.02 8.46 0.16
N GLU C 28 12.52 7.69 -0.81
CA GLU C 28 11.24 7.00 -0.70
C GLU C 28 11.24 6.10 0.53
N ILE C 29 12.36 5.43 0.77
CA ILE C 29 12.49 4.47 1.88
C ILE C 29 12.62 5.19 3.23
N LEU C 30 13.54 6.17 3.30
CA LEU C 30 13.61 6.99 4.49
C LEU C 30 12.18 7.53 4.84
N LYS C 31 11.45 8.00 3.83
CA LYS C 31 10.16 8.65 4.01
C LYS C 31 9.13 7.70 4.63
N ARG C 32 9.19 6.45 4.20
CA ARG C 32 8.23 5.45 4.69
C ARG C 32 8.48 5.18 6.16
N PHE C 33 9.74 5.06 6.56
CA PHE C 33 10.04 4.83 7.95
C PHE C 33 9.71 6.05 8.79
N GLU C 34 9.93 7.23 8.24
CA GLU C 34 9.64 8.48 8.94
C GLU C 34 8.13 8.63 9.09
N MET C 35 7.37 8.40 8.01
CA MET C 35 5.92 8.51 8.09
CA MET C 35 5.87 8.37 7.95
C MET C 35 5.32 7.49 9.06
N LYS C 36 5.93 6.28 9.16
CA LYS C 36 5.46 5.25 10.09
C LYS C 36 5.51 5.67 11.59
N GLY C 37 6.38 6.60 11.94
CA GLY C 37 6.45 7.05 13.32
C GLY C 37 7.69 6.65 14.13
N LEU C 38 8.49 5.73 13.62
CA LEU C 38 9.74 5.41 14.27
C LEU C 38 10.65 6.63 14.33
N LYS C 39 11.46 6.67 15.38
CA LYS C 39 12.37 7.78 15.57
C LYS C 39 13.68 7.41 14.94
N LEU C 40 14.13 8.24 14.00
CA LEU C 40 15.47 8.13 13.45
C LEU C 40 16.52 8.42 14.51
N ILE C 41 17.49 7.51 14.63
CA ILE C 41 18.61 7.63 15.56
C ILE C 41 19.94 7.86 14.83
N ALA C 42 20.04 7.31 13.61
CA ALA C 42 21.32 7.24 12.89
C ALA C 42 21.14 7.09 11.41
N ALA C 43 21.97 7.79 10.64
CA ALA C 43 21.94 7.58 9.20
C ALA C 43 23.21 8.11 8.56
N LYS C 44 23.70 7.36 7.57
CA LYS C 44 24.80 7.83 6.74
C LYS C 44 24.79 7.13 5.39
N PHE C 45 25.34 7.81 4.39
CA PHE C 45 25.58 7.24 3.09
C PHE C 45 27.03 6.79 3.10
N GLU C 46 27.32 5.58 2.62
CA GLU C 46 28.72 5.14 2.58
C GLU C 46 29.05 4.08 1.52
N HIS C 47 30.36 3.98 1.26
CA HIS C 47 30.97 2.81 0.65
C HIS C 47 31.44 1.92 1.79
N PRO C 48 30.78 0.77 2.00
CA PRO C 48 31.18 -0.04 3.15
C PRO C 48 32.50 -0.80 2.93
N THR C 49 33.24 -1.03 4.03
CA THR C 49 34.41 -1.89 4.00
C THR C 49 34.00 -3.37 3.91
N MET C 50 34.80 -4.17 3.20
CA MET C 50 34.60 -5.62 3.12
C MET C 50 34.52 -6.29 4.49
N ASP C 51 35.25 -5.74 5.47
CA ASP C 51 35.25 -6.31 6.82
C ASP C 51 33.87 -6.25 7.47
N VAL C 52 33.23 -5.10 7.34
CA VAL C 52 31.90 -4.89 7.88
C VAL C 52 30.90 -5.77 7.10
N VAL C 53 30.97 -5.79 5.78
CA VAL C 53 30.08 -6.68 5.00
C VAL C 53 30.23 -8.15 5.41
N ALA C 54 31.48 -8.62 5.49
CA ALA C 54 31.73 -10.02 5.87
C ALA C 54 31.16 -10.35 7.24
N GLN C 55 31.31 -9.44 8.20
CA GLN C 55 30.67 -9.62 9.49
C GLN C 55 29.17 -9.64 9.35
N HIS C 56 28.65 -8.69 8.57
CA HIS C 56 27.22 -8.58 8.38
C HIS C 56 26.64 -9.90 7.89
N TYR C 57 27.29 -10.54 6.93
CA TYR C 57 26.81 -11.80 6.43
C TYR C 57 27.47 -13.04 7.05
N CYS C 58 27.95 -12.94 8.29
CA CYS C 58 28.71 -14.02 8.95
C CYS C 58 27.97 -15.35 9.07
N GLU C 59 26.65 -15.33 9.14
CA GLU C 59 25.89 -16.57 9.26
C GLU C 59 26.04 -17.44 8.01
N HIS C 60 26.46 -16.81 6.91
CA HIS C 60 26.70 -17.47 5.62
C HIS C 60 28.18 -17.66 5.28
N LYS C 61 29.06 -17.47 6.29
CA LYS C 61 30.53 -17.57 6.14
C LYS C 61 31.00 -18.69 5.20
N ASP C 62 30.49 -19.91 5.39
CA ASP C 62 30.91 -21.04 4.58
C ASP C 62 29.77 -21.48 3.66
N LYS C 63 29.49 -20.65 2.65
CA LYS C 63 28.50 -20.98 1.61
C LYS C 63 28.96 -20.52 0.21
N PRO C 64 28.42 -21.12 -0.87
CA PRO C 64 28.96 -20.82 -2.20
C PRO C 64 28.82 -19.35 -2.63
N PHE C 65 27.59 -18.82 -2.54
CA PHE C 65 27.28 -17.45 -2.96
C PHE C 65 27.92 -16.32 -2.10
N PHE C 66 28.49 -16.68 -0.95
CA PHE C 66 29.08 -15.74 0.02
C PHE C 66 30.02 -14.69 -0.59
N LYS C 67 30.94 -15.11 -1.43
CA LYS C 67 31.86 -14.18 -2.11
C LYS C 67 31.09 -13.12 -2.92
N ASP C 68 30.16 -13.56 -3.77
CA ASP C 68 29.41 -12.69 -4.69
C ASP C 68 28.53 -11.68 -3.93
N LEU C 69 27.88 -12.17 -2.87
CA LEU C 69 27.07 -11.35 -1.99
C LEU C 69 27.91 -10.31 -1.24
N CYS C 70 29.06 -10.71 -0.72
CA CYS C 70 29.93 -9.76 -0.07
C CYS C 70 30.41 -8.65 -1.01
N ASP C 71 30.82 -9.05 -2.22
CA ASP C 71 31.37 -8.10 -3.21
C ASP C 71 30.29 -7.11 -3.63
N PHE C 72 29.07 -7.63 -3.78
CA PHE C 72 27.96 -6.84 -4.21
C PHE C 72 27.73 -5.68 -3.26
N ILE C 73 27.66 -5.96 -1.96
CA ILE C 73 27.44 -4.89 -0.98
C ILE C 73 28.69 -4.04 -0.75
N SER C 74 29.86 -4.67 -0.60
CA SER C 74 31.06 -3.87 -0.34
C SER C 74 31.35 -2.88 -1.49
N HIS C 75 31.05 -3.28 -2.72
CA HIS C 75 31.22 -2.37 -3.88
C HIS C 75 30.33 -1.13 -3.68
N GLY C 76 29.15 -1.36 -3.11
CA GLY C 76 28.30 -0.28 -2.61
C GLY C 76 27.72 0.52 -3.74
N PRO C 77 27.28 1.76 -3.46
CA PRO C 77 27.17 2.35 -2.12
C PRO C 77 25.94 1.85 -1.38
N VAL C 78 25.89 2.10 -0.07
CA VAL C 78 24.71 1.78 0.73
C VAL C 78 24.27 3.00 1.51
N PHE C 79 23.00 3.00 1.97
CA PHE C 79 22.54 4.01 2.91
C PHE C 79 22.08 3.35 4.21
N CYS C 80 22.78 3.67 5.30
CA CYS C 80 22.57 2.98 6.59
C CYS C 80 21.68 3.82 7.50
N MET C 81 20.72 3.17 8.16
CA MET C 81 19.89 3.88 9.15
C MET C 81 19.68 3.01 10.41
N ILE C 82 19.48 3.68 11.55
CA ILE C 82 18.92 3.05 12.75
C ILE C 82 17.61 3.78 13.08
N TRP C 83 16.56 3.00 13.27
CA TRP C 83 15.24 3.49 13.66
C TRP C 83 14.79 2.89 15.01
N GLU C 84 14.22 3.74 15.87
CA GLU C 84 13.77 3.35 17.21
C GLU C 84 12.24 3.34 17.35
N GLY C 85 11.72 2.36 18.11
CA GLY C 85 10.35 2.44 18.65
C GLY C 85 9.87 1.11 19.22
N PRO C 86 8.68 1.12 19.87
CA PRO C 86 8.13 -0.16 20.32
C PRO C 86 7.99 -1.07 19.10
N GLU C 87 8.62 -2.24 19.19
CA GLU C 87 8.54 -3.30 18.16
C GLU C 87 9.09 -2.86 16.81
N ALA C 88 10.08 -1.97 16.87
CA ALA C 88 10.66 -1.43 15.67
C ALA C 88 11.10 -2.55 14.72
N ILE C 89 11.61 -3.66 15.28
CA ILE C 89 12.17 -4.71 14.47
C ILE C 89 11.08 -5.37 13.62
N LYS C 90 9.98 -5.70 14.28
CA LYS C 90 8.86 -6.27 13.56
C LYS C 90 8.30 -5.25 12.57
N ILE C 91 8.28 -3.98 12.97
CA ILE C 91 7.77 -2.93 12.12
C ILE C 91 8.64 -2.77 10.85
N GLY C 92 9.95 -2.83 11.03
CA GLY C 92 10.89 -2.88 9.91
C GLY C 92 10.55 -3.98 8.92
N ARG C 93 10.35 -5.20 9.40
CA ARG C 93 10.01 -6.32 8.51
C ARG C 93 8.70 -6.02 7.79
N ASN C 94 7.74 -5.46 8.52
CA ASN C 94 6.42 -5.17 7.99
C ASN C 94 6.45 -4.16 6.85
N LEU C 95 7.37 -3.18 6.92
CA LEU C 95 7.42 -2.12 5.94
C LEU C 95 8.16 -2.57 4.66
N VAL C 96 9.11 -3.46 4.88
CA VAL C 96 10.00 -3.99 3.84
C VAL C 96 9.36 -5.15 3.03
N GLY C 97 8.65 -6.06 3.70
CA GLY C 97 7.98 -7.18 3.01
C GLY C 97 8.75 -8.48 3.14
N LEU C 98 8.32 -9.53 2.44
CA LEU C 98 9.00 -10.82 2.56
C LEU C 98 10.29 -10.78 1.78
N THR C 99 11.22 -11.68 2.09
CA THR C 99 12.51 -11.72 1.42
C THR C 99 12.43 -11.68 -0.11
N SER C 100 11.46 -12.38 -0.69
CA SER C 100 11.33 -12.39 -2.11
C SER C 100 10.21 -11.43 -2.54
N PRO C 101 10.52 -10.52 -3.48
CA PRO C 101 9.56 -9.51 -3.90
C PRO C 101 8.27 -10.02 -4.52
N VAL C 102 8.30 -11.14 -5.23
CA VAL C 102 7.11 -11.70 -5.86
C VAL C 102 6.14 -12.18 -4.79
N GLU C 103 6.61 -12.24 -3.56
CA GLU C 103 5.75 -12.73 -2.49
C GLU C 103 5.35 -11.64 -1.50
N SER C 104 5.94 -10.48 -1.67
CA SER C 104 5.69 -9.37 -0.81
C SER C 104 4.39 -8.69 -1.27
N ALA C 105 3.58 -8.23 -0.33
CA ALA C 105 2.33 -7.61 -0.73
C ALA C 105 2.53 -6.13 -1.14
N ALA C 106 1.69 -5.67 -2.07
CA ALA C 106 1.71 -4.28 -2.48
C ALA C 106 1.57 -3.45 -1.21
N GLY C 107 2.25 -2.31 -1.17
CA GLY C 107 2.27 -1.52 0.05
C GLY C 107 3.62 -1.59 0.70
N THR C 108 4.29 -2.75 0.60
CA THR C 108 5.64 -2.87 1.13
C THR C 108 6.63 -2.35 0.15
N ILE C 109 7.85 -2.05 0.64
CA ILE C 109 8.94 -1.59 -0.21
C ILE C 109 9.26 -2.61 -1.32
N ARG C 110 9.38 -3.88 -0.97
CA ARG C 110 9.67 -4.91 -1.97
C ARG C 110 8.44 -5.19 -2.85
N GLY C 111 7.25 -5.04 -2.26
CA GLY C 111 6.04 -5.37 -2.95
C GLY C 111 5.80 -4.31 -4.01
N ASP C 112 6.22 -3.08 -3.70
CA ASP C 112 5.99 -1.97 -4.63
C ASP C 112 7.12 -1.80 -5.63
N PHE C 113 8.35 -2.22 -5.27
CA PHE C 113 9.51 -1.84 -6.05
C PHE C 113 10.41 -2.97 -6.49
N GLY C 114 10.27 -4.14 -5.86
CA GLY C 114 11.18 -5.23 -6.17
C GLY C 114 10.63 -6.27 -7.11
N VAL C 115 11.52 -6.97 -7.84
CA VAL C 115 11.12 -8.04 -8.77
C VAL C 115 11.70 -9.39 -8.34
N VAL C 116 12.98 -9.45 -7.95
CA VAL C 116 13.64 -10.74 -7.60
C VAL C 116 14.48 -10.67 -6.32
N LYS C 117 14.67 -11.84 -5.69
CA LYS C 117 15.34 -11.91 -4.38
C LYS C 117 16.68 -11.17 -4.38
N ASN C 118 17.49 -11.35 -5.42
CA ASN C 118 18.84 -10.80 -5.43
C ASN C 118 18.87 -9.27 -5.49
N PHE C 119 17.76 -8.68 -5.96
CA PHE C 119 17.62 -7.23 -6.04
C PHE C 119 16.43 -6.74 -5.27
N ASN C 120 16.47 -7.02 -3.97
CA ASN C 120 15.35 -6.73 -3.11
C ASN C 120 15.57 -5.47 -2.29
N ILE C 121 16.41 -4.58 -2.82
CA ILE C 121 16.33 -3.16 -2.55
C ILE C 121 16.89 -2.73 -1.21
N VAL C 122 16.47 -3.43 -0.16
CA VAL C 122 16.63 -2.89 1.18
C VAL C 122 16.76 -4.03 2.14
N HIS C 123 17.52 -3.78 3.21
CA HIS C 123 17.67 -4.74 4.31
C HIS C 123 17.04 -4.21 5.59
N ALA C 124 16.34 -5.08 6.31
CA ALA C 124 15.87 -4.81 7.67
C ALA C 124 16.32 -5.91 8.64
N SER C 125 16.79 -5.53 9.82
CA SER C 125 17.11 -6.50 10.87
C SER C 125 16.00 -7.51 11.03
N SER C 126 16.42 -8.74 11.20
CA SER C 126 15.54 -9.88 11.16
C SER C 126 15.01 -10.26 12.56
N SER C 127 15.79 -9.95 13.60
CA SER C 127 15.47 -10.33 14.99
C SER C 127 16.22 -9.44 15.97
N ALA C 128 15.86 -9.57 17.24
CA ALA C 128 16.48 -8.78 18.30
C ALA C 128 17.99 -9.01 18.29
N GLU C 129 18.39 -10.27 18.23
CA GLU C 129 19.81 -10.61 18.18
C GLU C 129 20.52 -9.98 16.94
N ASP C 130 19.95 -10.15 15.75
CA ASP C 130 20.53 -9.51 14.58
C ASP C 130 20.63 -7.96 14.70
N ALA C 131 19.62 -7.32 15.27
CA ALA C 131 19.55 -5.87 15.31
C ALA C 131 20.61 -5.37 16.26
N ALA C 132 20.75 -6.06 17.40
CA ALA C 132 21.76 -5.66 18.40
C ALA C 132 23.16 -5.69 17.77
N ARG C 133 23.43 -6.74 17.01
CA ARG C 133 24.70 -6.86 16.28
C ARG C 133 24.82 -5.79 15.17
N GLU C 134 23.76 -5.66 14.37
CA GLU C 134 23.84 -4.79 13.19
C GLU C 134 23.97 -3.32 13.56
N CYS C 135 23.23 -2.86 14.55
CA CYS C 135 23.32 -1.45 14.97
C CYS C 135 24.73 -1.05 15.43
N ALA C 136 25.40 -1.92 16.19
CA ALA C 136 26.75 -1.63 16.69
C ALA C 136 27.81 -1.85 15.61
N LEU C 137 27.55 -2.81 14.72
CA LEU C 137 28.47 -3.11 13.62
C LEU C 137 28.56 -2.00 12.54
N TRP C 138 27.42 -1.50 12.07
CA TRP C 138 27.40 -0.49 11.03
C TRP C 138 27.59 0.95 11.52
N PHE C 139 27.36 1.18 12.81
CA PHE C 139 27.46 2.53 13.36
C PHE C 139 28.27 2.58 14.64
N THR C 140 29.06 3.64 14.81
CA THR C 140 29.82 3.83 16.03
C THR C 140 28.90 4.49 17.06
N PRO C 141 29.20 4.38 18.36
CA PRO C 141 28.35 5.12 19.33
C PRO C 141 28.28 6.64 19.06
N GLU C 142 29.36 7.23 18.58
CA GLU C 142 29.36 8.68 18.27
C GLU C 142 28.28 9.07 17.24
N GLN C 143 27.83 8.14 16.42
CA GLN C 143 26.96 8.50 15.30
C GLN C 143 25.49 8.37 15.63
N LEU C 144 25.19 8.01 16.87
CA LEU C 144 23.82 7.90 17.39
C LEU C 144 23.41 9.25 17.92
N VAL C 145 22.24 9.69 17.48
CA VAL C 145 21.76 11.02 17.81
C VAL C 145 20.71 10.94 18.90
N THR C 146 20.96 11.68 19.97
CA THR C 146 19.99 11.82 21.04
C THR C 146 19.19 13.09 20.77
N TRP C 147 17.87 12.94 20.71
CA TRP C 147 16.98 14.10 20.56
C TRP C 147 15.59 13.78 21.03
N GLU C 148 14.77 14.81 21.19
CA GLU C 148 13.41 14.61 21.64
C GLU C 148 12.42 15.27 20.67
N ARG C 149 11.48 14.47 20.16
CA ARG C 149 10.43 14.91 19.25
C ARG C 149 9.27 15.56 19.94
N SER C 150 8.95 16.80 19.62
CA SER C 150 7.78 17.43 20.19
C SER C 150 6.48 16.66 19.94
N VAL C 151 6.39 15.94 18.83
CA VAL C 151 5.16 15.26 18.46
C VAL C 151 5.18 13.82 19.01
N GLY C 152 6.32 13.43 19.60
CA GLY C 152 6.61 12.04 20.00
C GLY C 152 5.54 11.33 20.83
N GLY C 153 4.93 12.06 21.77
CA GLY C 153 3.94 11.50 22.69
C GLY C 153 2.59 11.17 22.09
N TRP C 154 2.40 11.58 20.83
CA TRP C 154 1.24 11.22 20.01
C TRP C 154 1.52 10.01 19.13
N ILE C 155 2.74 9.47 19.19
CA ILE C 155 3.08 8.29 18.37
C ILE C 155 3.13 7.02 19.23
N TYR C 156 3.76 7.12 20.39
CA TYR C 156 3.81 6.03 21.36
C TYR C 156 4.27 6.53 22.72
S SO4 D . -11.26 19.62 27.51
O1 SO4 D . -10.62 18.33 27.79
O2 SO4 D . -12.48 19.34 26.76
O3 SO4 D . -11.56 20.31 28.76
O4 SO4 D . -10.35 20.50 26.78
S SO4 E . -23.47 8.37 -6.51
O1 SO4 E . -22.98 9.72 -6.31
O2 SO4 E . -24.28 8.36 -7.73
O3 SO4 E . -24.34 8.02 -5.38
O4 SO4 E . -22.30 7.48 -6.59
S SO4 F . 4.61 12.29 11.73
O1 SO4 F . 4.49 11.12 12.58
O2 SO4 F . 3.29 12.59 11.16
O3 SO4 F . 5.13 13.45 12.48
O4 SO4 F . 5.55 11.98 10.65
S SO4 G . -11.60 2.82 18.19
O1 SO4 G . -11.88 2.14 16.91
O2 SO4 G . -12.04 1.95 19.26
O3 SO4 G . -12.24 4.12 18.41
O4 SO4 G . -10.17 2.97 18.20
S SO4 H . -12.40 9.02 -8.24
O1 SO4 H . -13.00 10.29 -8.67
O2 SO4 H . -12.73 8.79 -6.83
O3 SO4 H . -12.96 7.93 -9.02
O4 SO4 H . -10.95 9.05 -8.41
S SO4 I . 16.17 -4.80 -19.35
O1 SO4 I . 15.33 -5.85 -19.95
O2 SO4 I . 15.70 -3.46 -19.66
O3 SO4 I . 16.15 -4.94 -17.90
O4 SO4 I . 17.54 -4.88 -19.81
S SO4 J . -19.58 1.99 -29.91
O1 SO4 J . -19.03 0.76 -29.32
O2 SO4 J . -21.05 1.92 -29.91
O3 SO4 J . -19.17 3.16 -29.12
O4 SO4 J . -19.10 2.16 -31.28
S SO4 K . -11.05 -9.11 -16.17
O1 SO4 K . -11.71 -10.27 -15.57
O2 SO4 K . -11.78 -7.91 -15.83
O3 SO4 K . -9.71 -9.04 -15.57
O4 SO4 K . -11.06 -9.20 -17.64
S SO4 L . 13.03 2.35 -11.44
O1 SO4 L . 13.91 1.20 -11.25
O2 SO4 L . 13.33 2.97 -12.72
O3 SO4 L . 11.65 1.85 -11.42
O4 SO4 L . 13.22 3.31 -10.35
S SO4 M . 10.43 10.60 21.07
O1 SO4 M . 9.39 9.83 20.34
O2 SO4 M . 9.86 11.22 22.28
O3 SO4 M . 11.55 9.72 21.41
O4 SO4 M . 10.94 11.70 20.26
S SO4 N . 35.37 -1.92 -4.17
O1 SO4 N . 36.47 -2.81 -4.54
O2 SO4 N . 34.41 -1.95 -5.27
O3 SO4 N . 34.75 -2.40 -2.93
O4 SO4 N . 35.90 -0.56 -3.99
S SO4 O . 37.80 -1.74 1.93
O1 SO4 O . 37.15 -3.02 2.26
O2 SO4 O . 36.79 -0.80 1.45
O3 SO4 O . 38.48 -1.17 3.08
O4 SO4 O . 38.76 -2.00 0.86
S SO4 P . 19.03 -9.22 3.48
O1 SO4 P . 19.41 -10.61 3.66
O2 SO4 P . 18.09 -9.15 2.35
O3 SO4 P . 18.18 -8.75 4.60
O4 SO4 P . 20.28 -8.43 3.35
#